data_3E2Q
#
_entry.id   3E2Q
#
_cell.length_a   73.080
_cell.length_b   141.646
_cell.length_c   145.605
_cell.angle_alpha   90.000
_cell.angle_beta   90.000
_cell.angle_gamma   90.000
#
_symmetry.space_group_name_H-M   'I 2 2 2'
#
loop_
_entity.id
_entity.type
_entity.pdbx_description
1 polymer 'Proline dehydrogenase'
2 non-polymer 'FLAVIN-ADENINE DINUCLEOTIDE'
3 non-polymer 4-HYDROXYPROLINE
4 non-polymer 'PENTAETHYLENE GLYCOL'
5 water water
#
_entity_poly.entity_id   1
_entity_poly.type   'polypeptide(L)'
_entity_poly.pdbx_seq_one_letter_code
;LPQSVSRAAITAAYRRPETEAVSMLLEQARLPQPVAEQAHKLAYQLADKLRNQKNASGRAGMVQGLLQEFSLSSQEGVAL
MCLAEALLRIPDKATRDALIRDKISNGNWQSHIGRSPSLFVNAATWGLLFTGKLVSTHNEASLSRSLNRIIGKSGEPLIR
KGVDMAMRLMGEQFVTGETIAEALANARKLEEKGFRYSYDMLGEAALTAADAQAYMVSYQQAIHAIGKASNGRGIYEGPG
ISIKLSALHPRYSRAQYDRVMEELYPRLKSLTLLARQYDIGINIDAEESDRLEISLDLLEKLCFEPELAGWNGIGFVIQA
YQKRCPLVIDYLIDLATRSRRRLMIRLVKGAYWDSEIKRAQMDGLEGYPVYTRKVYTDVSYLACAKKLLAVPNLIYPQFA
THNAHTLAAIYQLAGQNYYPGQYEFQCLHGMGEPLYEQVTGKVADGKLNRPCRISAPVGTHETLLAYLVRRLLENGANTS
FVNRIADTSLPLDELVADPVTAVEKLAQQEGQTGLPHPKIPLPRDLYGHGRDNSAGLDLANEHRLHHHHHH
;
_entity_poly.pdbx_strand_id   A
#
# COMPACT_ATOMS: atom_id res chain seq x y z
N GLN A 3 -12.09 7.38 28.19
CA GLN A 3 -11.09 7.60 27.17
C GLN A 3 -10.72 9.07 27.03
N SER A 4 -9.53 9.34 26.52
CA SER A 4 -9.14 10.69 26.19
C SER A 4 -10.08 11.21 25.11
N VAL A 5 -10.06 12.52 24.89
CA VAL A 5 -10.88 13.13 23.87
C VAL A 5 -10.62 12.50 22.50
N SER A 6 -9.35 12.35 22.14
CA SER A 6 -9.02 11.78 20.84
C SER A 6 -9.36 10.29 20.72
N ARG A 7 -9.15 9.53 21.79
CA ARG A 7 -9.50 8.09 21.75
C ARG A 7 -11.01 7.90 21.69
N ALA A 8 -11.75 8.75 22.40
CA ALA A 8 -13.20 8.68 22.39
C ALA A 8 -13.76 8.94 21.00
N ALA A 9 -13.16 9.90 20.30
CA ALA A 9 -13.61 10.27 18.97
C ALA A 9 -13.41 9.13 17.98
N ILE A 10 -12.33 8.37 18.17
CA ILE A 10 -12.07 7.20 17.34
C ILE A 10 -13.19 6.18 17.53
N THR A 11 -13.48 5.88 18.79
CA THR A 11 -14.49 4.90 19.12
C THR A 11 -15.84 5.26 18.50
N ALA A 12 -16.21 6.54 18.60
CA ALA A 12 -17.50 6.98 18.10
C ALA A 12 -17.62 6.91 16.57
N ALA A 13 -16.48 6.86 15.88
CA ALA A 13 -16.48 6.88 14.42
C ALA A 13 -16.42 5.48 13.83
N TYR A 14 -16.30 4.49 14.70
CA TYR A 14 -16.07 3.11 14.32
C TYR A 14 -16.84 2.69 13.06
N ARG A 15 -18.16 2.84 13.10
CA ARG A 15 -19.01 2.38 12.00
C ARG A 15 -19.99 3.45 11.56
N ARG A 16 -19.56 4.71 11.52
CA ARG A 16 -20.51 5.77 11.22
C ARG A 16 -21.00 5.65 9.78
N PRO A 17 -22.26 6.01 9.55
CA PRO A 17 -22.89 5.86 8.24
C PRO A 17 -22.03 6.46 7.13
N GLU A 18 -22.02 5.82 5.98
CA GLU A 18 -21.14 6.26 4.90
C GLU A 18 -21.50 7.63 4.35
N THR A 19 -22.79 7.93 4.28
CA THR A 19 -23.17 9.24 3.79
C THR A 19 -22.52 10.31 4.66
N GLU A 20 -22.54 10.08 5.96
CA GLU A 20 -21.99 11.02 6.93
C GLU A 20 -20.47 11.09 6.84
N ALA A 21 -19.84 9.92 6.87
CA ALA A 21 -18.39 9.83 6.82
C ALA A 21 -17.84 10.47 5.56
N VAL A 22 -18.41 10.12 4.41
CA VAL A 22 -17.91 10.62 3.14
C VAL A 22 -18.13 12.12 3.00
N SER A 23 -19.30 12.58 3.41
CA SER A 23 -19.64 14.01 3.33
C SER A 23 -18.66 14.84 4.15
N MET A 24 -18.21 14.28 5.26
CA MET A 24 -17.28 14.97 6.15
C MET A 24 -15.88 15.07 5.55
N LEU A 25 -15.51 14.07 4.76
CA LEU A 25 -14.16 13.99 4.20
C LEU A 25 -14.00 14.88 2.97
N LEU A 26 -15.11 15.17 2.30
CA LEU A 26 -15.04 15.69 0.94
C LEU A 26 -14.20 16.94 0.82
N GLU A 27 -14.48 17.94 1.67
CA GLU A 27 -13.79 19.22 1.56
C GLU A 27 -12.36 19.15 2.07
N GLN A 28 -12.08 18.23 2.99
CA GLN A 28 -10.70 18.02 3.44
C GLN A 28 -9.89 17.36 2.34
N ALA A 29 -10.56 16.60 1.47
CA ALA A 29 -9.86 15.87 0.43
C ALA A 29 -9.71 16.69 -0.84
N ARG A 30 -10.58 17.69 -1.02
CA ARG A 30 -10.63 18.40 -2.28
C ARG A 30 -9.34 19.13 -2.59
N LEU A 31 -8.76 18.85 -3.76
CA LEU A 31 -7.56 19.54 -4.17
C LEU A 31 -7.88 20.92 -4.75
N PRO A 32 -7.19 21.95 -4.28
CA PRO A 32 -7.34 23.30 -4.84
C PRO A 32 -7.20 23.22 -6.36
N GLN A 33 -8.05 23.95 -7.08
CA GLN A 33 -8.08 23.89 -8.54
C GLN A 33 -6.70 23.81 -9.19
N PRO A 34 -5.78 24.70 -8.77
CA PRO A 34 -4.42 24.68 -9.34
C PRO A 34 -3.76 23.33 -9.11
N VAL A 35 -3.75 22.90 -7.85
CA VAL A 35 -3.12 21.65 -7.46
C VAL A 35 -3.74 20.46 -8.21
N ALA A 36 -5.07 20.45 -8.30
CA ALA A 36 -5.79 19.37 -8.97
C ALA A 36 -5.34 19.21 -10.42
N GLU A 37 -5.14 20.33 -11.10
CA GLU A 37 -4.72 20.31 -12.50
C GLU A 37 -3.33 19.72 -12.64
N GLN A 38 -2.42 20.17 -11.78
CA GLN A 38 -1.05 19.67 -11.79
C GLN A 38 -1.01 18.20 -11.42
N ALA A 39 -1.84 17.82 -10.46
CA ALA A 39 -1.97 16.40 -10.09
C ALA A 39 -2.45 15.58 -11.28
N HIS A 40 -3.47 16.08 -11.97
CA HIS A 40 -3.99 15.39 -13.15
C HIS A 40 -2.91 15.20 -14.21
N LYS A 41 -2.19 16.26 -14.54
CA LYS A 41 -1.17 16.21 -15.59
C LYS A 41 -0.08 15.21 -15.25
N LEU A 42 0.37 15.25 -14.01
CA LEU A 42 1.43 14.34 -13.54
C LEU A 42 0.92 12.91 -13.51
N ALA A 43 -0.26 12.70 -12.93
CA ALA A 43 -0.86 11.36 -12.90
C ALA A 43 -1.01 10.79 -14.32
N TYR A 44 -1.54 11.60 -15.22
CA TYR A 44 -1.69 11.19 -16.63
C TYR A 44 -0.34 10.76 -17.20
N GLN A 45 0.69 11.58 -16.96
CA GLN A 45 2.03 11.31 -17.48
C GLN A 45 2.61 9.99 -16.93
N LEU A 46 2.51 9.81 -15.61
CA LEU A 46 2.99 8.58 -14.98
C LEU A 46 2.28 7.37 -15.55
N ALA A 47 0.96 7.47 -15.65
CA ALA A 47 0.14 6.37 -16.12
C ALA A 47 0.39 6.07 -17.59
N ASP A 48 0.53 7.13 -18.39
CA ASP A 48 0.79 7.00 -19.81
C ASP A 48 2.13 6.28 -20.03
N LYS A 49 3.16 6.74 -19.33
CA LYS A 49 4.49 6.13 -19.46
C LYS A 49 4.47 4.67 -19.03
N LEU A 50 3.67 4.36 -18.02
CA LEU A 50 3.58 2.99 -17.50
C LEU A 50 2.88 2.09 -18.52
N ARG A 51 1.77 2.57 -19.05
CA ARG A 51 0.98 1.81 -20.01
C ARG A 51 1.72 1.66 -21.33
N ASN A 52 2.52 2.66 -21.70
CA ASN A 52 3.16 2.67 -23.01
C ASN A 52 4.65 2.30 -22.97
N GLN A 53 5.05 1.59 -21.93
CA GLN A 53 6.46 1.25 -21.71
C GLN A 53 7.19 0.86 -23.00
N LYS A 54 6.79 -0.27 -23.58
CA LYS A 54 7.39 -0.72 -24.84
C LYS A 54 6.45 -0.39 -26.00
N ASN A 55 5.95 0.84 -26.01
CA ASN A 55 5.07 1.33 -27.06
C ASN A 55 3.79 0.49 -27.22
N ALA A 56 3.34 -0.13 -26.14
CA ALA A 56 2.17 -1.01 -26.20
C ALA A 56 0.96 -0.37 -26.87
N SER A 57 0.72 0.92 -26.58
CA SER A 57 -0.42 1.61 -27.16
C SER A 57 -0.16 2.02 -28.60
N GLY A 58 1.03 2.54 -28.86
CA GLY A 58 1.42 2.93 -30.20
C GLY A 58 1.29 1.77 -31.16
N ARG A 59 1.68 0.59 -30.70
CA ARG A 59 1.59 -0.63 -31.50
C ARG A 59 0.14 -1.03 -31.71
N ALA A 60 -0.67 -0.87 -30.66
CA ALA A 60 -2.10 -1.19 -30.76
C ALA A 60 -2.76 -0.35 -31.84
N GLY A 61 -2.43 0.94 -31.88
CA GLY A 61 -2.97 1.84 -32.87
C GLY A 61 -2.59 1.44 -34.29
N MET A 62 -1.42 0.85 -34.43
CA MET A 62 -0.93 0.41 -35.73
C MET A 62 -1.76 -0.74 -36.28
N VAL A 63 -2.12 -1.68 -35.40
CA VAL A 63 -2.92 -2.83 -35.78
C VAL A 63 -4.30 -2.42 -36.29
N GLN A 64 -5.04 -1.70 -35.45
CA GLN A 64 -6.39 -1.26 -35.78
C GLN A 64 -6.40 -0.43 -37.07
N GLY A 65 -5.29 0.26 -37.33
CA GLY A 65 -5.16 1.06 -38.53
C GLY A 65 -5.24 0.21 -39.79
N LEU A 66 -5.00 -1.09 -39.63
CA LEU A 66 -5.08 -2.02 -40.74
C LEU A 66 -6.31 -2.92 -40.59
N LEU A 67 -6.75 -3.12 -39.35
CA LEU A 67 -7.91 -3.94 -39.06
C LEU A 67 -9.16 -3.39 -39.74
N GLN A 68 -9.10 -2.12 -40.12
CA GLN A 68 -10.22 -1.46 -40.79
C GLN A 68 -10.00 -1.40 -42.30
N GLU A 69 -8.75 -1.15 -42.70
CA GLU A 69 -8.41 -1.04 -44.10
C GLU A 69 -8.66 -2.35 -44.85
N PHE A 70 -8.97 -3.39 -44.11
CA PHE A 70 -9.26 -4.70 -44.71
C PHE A 70 -10.50 -5.32 -44.07
N SER A 71 -10.98 -4.70 -43.00
CA SER A 71 -12.14 -5.21 -42.28
C SER A 71 -11.92 -6.66 -41.87
N LEU A 72 -10.78 -6.92 -41.23
CA LEU A 72 -10.42 -8.28 -40.83
C LEU A 72 -10.71 -8.53 -39.36
N SER A 73 -11.05 -9.77 -39.04
CA SER A 73 -11.29 -10.17 -37.66
C SER A 73 -9.97 -10.27 -36.91
N SER A 74 -10.04 -10.53 -35.61
CA SER A 74 -8.85 -10.70 -34.80
C SER A 74 -8.01 -11.86 -35.32
N GLN A 75 -8.66 -13.02 -35.48
CA GLN A 75 -8.00 -14.21 -35.99
C GLN A 75 -7.59 -14.03 -37.45
N GLU A 76 -8.06 -12.94 -38.06
CA GLU A 76 -7.74 -12.66 -39.46
C GLU A 76 -6.44 -11.88 -39.59
N GLY A 77 -6.36 -10.72 -38.95
CA GLY A 77 -5.16 -9.92 -38.97
C GLY A 77 -3.96 -10.74 -38.57
N VAL A 78 -4.15 -11.60 -37.58
CA VAL A 78 -3.10 -12.49 -37.10
C VAL A 78 -2.59 -13.40 -38.20
N ALA A 79 -3.51 -13.92 -39.01
CA ALA A 79 -3.14 -14.78 -40.13
C ALA A 79 -2.26 -14.03 -41.12
N LEU A 80 -2.60 -12.76 -41.37
CA LEU A 80 -1.84 -11.93 -42.28
C LEU A 80 -0.43 -11.67 -41.74
N MET A 81 -0.35 -11.33 -40.45
CA MET A 81 0.95 -11.12 -39.83
C MET A 81 1.81 -12.37 -39.94
N CYS A 82 1.18 -13.52 -39.78
CA CYS A 82 1.89 -14.80 -39.89
C CYS A 82 2.47 -14.96 -41.30
N LEU A 83 1.66 -14.66 -42.30
CA LEU A 83 2.10 -14.71 -43.68
C LEU A 83 3.25 -13.71 -43.90
N ALA A 84 3.06 -12.51 -43.38
CA ALA A 84 4.06 -11.45 -43.53
C ALA A 84 5.38 -11.83 -42.87
N GLU A 85 5.30 -12.50 -41.73
CA GLU A 85 6.50 -12.93 -41.01
C GLU A 85 7.26 -13.98 -41.81
N ALA A 86 6.53 -14.94 -42.37
CA ALA A 86 7.14 -15.98 -43.19
C ALA A 86 7.81 -15.36 -44.42
N LEU A 87 7.12 -14.41 -45.03
CA LEU A 87 7.69 -13.70 -46.19
C LEU A 87 8.97 -12.95 -45.83
N LEU A 88 8.97 -12.31 -44.66
CA LEU A 88 10.15 -11.56 -44.22
C LEU A 88 11.32 -12.46 -43.85
N ARG A 89 11.06 -13.76 -43.77
CA ARG A 89 12.14 -14.72 -43.49
C ARG A 89 12.81 -15.23 -44.78
N ILE A 90 12.29 -14.80 -45.92
CA ILE A 90 12.95 -15.08 -47.19
C ILE A 90 14.14 -14.12 -47.32
N PRO A 91 15.36 -14.66 -47.42
CA PRO A 91 16.59 -13.86 -47.27
C PRO A 91 16.80 -12.81 -48.35
N ASP A 92 16.38 -13.10 -49.57
CA ASP A 92 16.61 -12.19 -50.69
C ASP A 92 15.31 -11.55 -51.19
N LYS A 93 15.31 -10.24 -51.26
CA LYS A 93 14.11 -9.48 -51.56
C LYS A 93 13.51 -9.83 -52.94
N ALA A 94 14.38 -10.09 -53.91
CA ALA A 94 13.92 -10.40 -55.26
C ALA A 94 13.08 -11.67 -55.20
N THR A 95 13.58 -12.65 -54.46
CA THR A 95 12.88 -13.92 -54.31
C THR A 95 11.53 -13.72 -53.61
N ARG A 96 11.54 -12.95 -52.52
CA ARG A 96 10.32 -12.62 -51.79
C ARG A 96 9.31 -11.94 -52.73
N ASP A 97 9.76 -10.89 -53.40
CA ASP A 97 8.89 -10.14 -54.31
C ASP A 97 8.26 -11.06 -55.35
N ALA A 98 9.07 -11.91 -55.97
CA ALA A 98 8.59 -12.78 -57.05
C ALA A 98 7.58 -13.81 -56.57
N LEU A 99 7.73 -14.24 -55.32
CA LEU A 99 6.81 -15.21 -54.74
C LEU A 99 5.44 -14.59 -54.48
N GLY A 155 -7.48 -37.19 -5.93
CA GLY A 155 -8.34 -36.84 -4.81
C GLY A 155 -8.08 -35.43 -4.31
N GLU A 156 -8.36 -35.18 -3.03
CA GLU A 156 -8.13 -33.86 -2.45
C GLU A 156 -6.63 -33.55 -2.28
N PRO A 157 -5.80 -34.58 -2.06
CA PRO A 157 -4.36 -34.30 -1.99
C PRO A 157 -3.88 -33.60 -3.25
N LEU A 158 -4.48 -33.92 -4.39
CA LEU A 158 -4.16 -33.24 -5.64
C LEU A 158 -4.59 -31.78 -5.57
N ILE A 159 -5.73 -31.53 -4.94
CA ILE A 159 -6.24 -30.17 -4.78
C ILE A 159 -5.35 -29.38 -3.82
N ARG A 160 -5.03 -29.98 -2.67
CA ARG A 160 -4.18 -29.34 -1.67
C ARG A 160 -2.79 -29.03 -2.25
N LYS A 161 -2.26 -29.96 -3.03
CA LYS A 161 -0.95 -29.77 -3.65
C LYS A 161 -1.03 -28.70 -4.74
N GLY A 162 -2.13 -28.70 -5.49
CA GLY A 162 -2.34 -27.73 -6.55
C GLY A 162 -2.40 -26.32 -6.01
N VAL A 163 -3.15 -26.13 -4.92
CA VAL A 163 -3.24 -24.83 -4.28
C VAL A 163 -1.86 -24.38 -3.79
N ASP A 164 -1.15 -25.31 -3.15
CA ASP A 164 0.19 -25.01 -2.64
C ASP A 164 1.11 -24.52 -3.76
N MET A 165 1.06 -25.21 -4.89
CA MET A 165 1.95 -24.91 -6.01
C MET A 165 1.55 -23.62 -6.72
N ALA A 166 0.25 -23.43 -6.91
CA ALA A 166 -0.27 -22.22 -7.51
C ALA A 166 0.14 -21.04 -6.66
N MET A 167 0.07 -21.20 -5.35
CA MET A 167 0.46 -20.16 -4.41
C MET A 167 1.91 -19.75 -4.62
N ARG A 168 2.78 -20.75 -4.70
CA ARG A 168 4.22 -20.49 -4.83
C ARG A 168 4.61 -19.88 -6.17
N LEU A 169 4.03 -20.39 -7.25
CA LEU A 169 4.29 -19.84 -8.59
C LEU A 169 3.86 -18.38 -8.70
N MET A 170 2.66 -18.08 -8.21
CA MET A 170 2.17 -16.70 -8.25
C MET A 170 2.85 -15.81 -7.22
N GLY A 171 3.39 -16.41 -6.17
CA GLY A 171 3.95 -15.64 -5.07
C GLY A 171 5.35 -15.11 -5.32
N GLU A 172 6.09 -15.78 -6.21
CA GLU A 172 7.49 -15.42 -6.46
C GLU A 172 7.67 -13.96 -6.80
N GLN A 173 6.78 -13.42 -7.63
CA GLN A 173 6.90 -12.02 -8.04
C GLN A 173 6.83 -11.07 -6.86
N PHE A 174 6.21 -11.51 -5.77
CA PHE A 174 5.96 -10.62 -4.64
C PHE A 174 6.96 -10.77 -3.51
N VAL A 175 7.77 -11.83 -3.56
CA VAL A 175 8.68 -12.14 -2.46
C VAL A 175 10.12 -11.76 -2.81
N THR A 176 10.74 -10.98 -1.92
CA THR A 176 12.10 -10.51 -2.16
C THR A 176 13.15 -11.57 -1.88
N GLY A 177 12.93 -12.38 -0.84
CA GLY A 177 13.88 -13.42 -0.49
C GLY A 177 13.35 -14.47 0.47
N GLU A 178 13.97 -15.64 0.45
CA GLU A 178 13.57 -16.74 1.33
C GLU A 178 14.01 -16.44 2.76
N THR A 179 15.16 -15.78 2.88
CA THR A 179 15.76 -15.43 4.16
C THR A 179 16.16 -13.96 4.16
N ILE A 180 16.37 -13.40 5.35
CA ILE A 180 16.73 -11.99 5.45
C ILE A 180 18.11 -11.72 4.83
N ALA A 181 19.02 -12.67 4.93
CA ALA A 181 20.34 -12.48 4.34
C ALA A 181 20.22 -12.36 2.82
N GLU A 182 19.41 -13.22 2.22
CA GLU A 182 19.17 -13.16 0.78
C GLU A 182 18.49 -11.86 0.36
N ALA A 183 17.46 -11.48 1.12
CA ALA A 183 16.79 -10.20 0.88
C ALA A 183 17.76 -9.03 0.88
N LEU A 184 18.56 -8.94 1.93
CA LEU A 184 19.49 -7.83 2.10
C LEU A 184 20.54 -7.78 0.98
N ALA A 185 20.95 -8.96 0.50
CA ALA A 185 21.92 -9.06 -0.58
C ALA A 185 21.40 -8.42 -1.87
N ASN A 186 20.08 -8.37 -2.02
CA ASN A 186 19.46 -7.86 -3.23
C ASN A 186 19.16 -6.36 -3.19
N ALA A 187 19.53 -5.70 -2.10
CA ALA A 187 19.09 -4.33 -1.84
C ALA A 187 19.88 -3.26 -2.58
N ARG A 188 21.17 -3.49 -2.81
CA ARG A 188 22.05 -2.46 -3.33
C ARG A 188 21.56 -1.87 -4.65
N LYS A 189 21.11 -2.73 -5.55
CA LYS A 189 20.72 -2.30 -6.90
C LYS A 189 19.76 -1.11 -6.87
N LEU A 190 18.68 -1.21 -6.11
CA LEU A 190 17.73 -0.11 -6.05
C LEU A 190 18.10 0.95 -5.00
N GLU A 191 18.76 0.54 -3.93
CA GLU A 191 19.19 1.51 -2.92
C GLU A 191 20.15 2.53 -3.54
N GLU A 192 20.99 2.07 -4.45
CA GLU A 192 21.93 2.95 -5.13
C GLU A 192 21.21 3.93 -6.04
N LYS A 193 19.94 3.63 -6.35
CA LYS A 193 19.15 4.50 -7.21
C LYS A 193 18.29 5.46 -6.39
N GLY A 194 18.32 5.32 -5.07
CA GLY A 194 17.60 6.21 -4.19
C GLY A 194 16.42 5.54 -3.51
N PHE A 195 16.23 4.26 -3.78
CA PHE A 195 15.18 3.50 -3.11
C PHE A 195 15.60 3.15 -1.68
N ARG A 196 14.62 2.82 -0.87
CA ARG A 196 14.87 2.36 0.49
C ARG A 196 14.10 1.08 0.66
N TYR A 197 14.39 0.34 1.73
CA TYR A 197 13.65 -0.90 1.99
C TYR A 197 13.10 -0.99 3.40
N SER A 198 11.98 -1.70 3.51
CA SER A 198 11.45 -2.16 4.78
C SER A 198 11.22 -3.65 4.61
N TYR A 199 11.79 -4.44 5.51
CA TYR A 199 11.68 -5.88 5.37
C TYR A 199 10.50 -6.43 6.15
N ASP A 200 9.69 -7.20 5.44
CA ASP A 200 8.42 -7.72 5.94
C ASP A 200 8.56 -9.21 6.12
N MET A 201 8.85 -9.63 7.36
CA MET A 201 9.00 -11.03 7.66
C MET A 201 7.64 -11.69 7.57
N LEU A 202 7.47 -12.58 6.60
CA LEU A 202 6.15 -13.21 6.37
C LEU A 202 5.80 -14.19 7.48
N GLY A 203 4.51 -14.32 7.75
CA GLY A 203 4.05 -15.19 8.81
C GLY A 203 3.25 -14.34 9.79
N GLU A 204 2.01 -14.74 10.02
CA GLU A 204 1.10 -13.93 10.82
C GLU A 204 0.09 -14.82 11.51
N ALA A 205 -0.70 -14.23 12.40
CA ALA A 205 -1.78 -14.95 13.06
C ALA A 205 -1.27 -16.22 13.73
N ALA A 206 -0.24 -16.08 14.57
CA ALA A 206 0.30 -17.20 15.34
C ALA A 206 -0.84 -17.90 16.07
N LEU A 207 -0.89 -19.23 15.97
CA LEU A 207 -1.95 -19.97 16.61
C LEU A 207 -1.52 -20.50 17.98
N THR A 208 -0.24 -20.79 18.12
CA THR A 208 0.26 -21.38 19.35
C THR A 208 1.37 -20.54 19.97
N ALA A 209 1.68 -20.83 21.23
CA ALA A 209 2.77 -20.14 21.90
C ALA A 209 4.08 -20.39 21.17
N ALA A 210 4.28 -21.62 20.70
CA ALA A 210 5.48 -21.97 19.97
C ALA A 210 5.60 -21.16 18.68
N ASP A 211 4.48 -20.96 18.00
CA ASP A 211 4.45 -20.21 16.75
C ASP A 211 4.93 -18.79 17.00
N ALA A 212 4.39 -18.16 18.04
CA ALA A 212 4.70 -16.76 18.33
C ALA A 212 6.16 -16.62 18.71
N GLN A 213 6.67 -17.60 19.44
CA GLN A 213 8.06 -17.57 19.84
C GLN A 213 8.98 -17.65 18.62
N ALA A 214 8.64 -18.50 17.68
CA ALA A 214 9.43 -18.64 16.47
C ALA A 214 9.41 -17.33 15.66
N TYR A 215 8.26 -16.69 15.59
CA TYR A 215 8.20 -15.38 14.93
C TYR A 215 9.05 -14.36 15.66
N MET A 216 9.00 -14.37 16.99
CA MET A 216 9.77 -13.43 17.78
C MET A 216 11.26 -13.57 17.49
N VAL A 217 11.73 -14.82 17.49
CA VAL A 217 13.11 -15.12 17.20
C VAL A 217 13.49 -14.68 15.80
N SER A 218 12.59 -14.88 14.85
CA SER A 218 12.86 -14.49 13.47
C SER A 218 12.98 -12.98 13.35
N TYR A 219 12.11 -12.24 14.04
CA TYR A 219 12.21 -10.78 14.04
C TYR A 219 13.54 -10.31 14.63
N GLN A 220 13.94 -10.86 15.77
CA GLN A 220 15.18 -10.46 16.44
C GLN A 220 16.37 -10.65 15.51
N GLN A 221 16.44 -11.83 14.91
CA GLN A 221 17.53 -12.14 13.99
C GLN A 221 17.51 -11.19 12.81
N ALA A 222 16.31 -10.92 12.29
CA ALA A 222 16.15 -9.97 11.19
C ALA A 222 16.65 -8.57 11.56
N ILE A 223 16.31 -8.12 12.77
CA ILE A 223 16.75 -6.79 13.19
C ILE A 223 18.28 -6.72 13.24
N HIS A 224 18.90 -7.72 13.86
CA HIS A 224 20.37 -7.77 13.88
C HIS A 224 20.95 -7.66 12.46
N ALA A 225 20.35 -8.41 11.53
CA ALA A 225 20.83 -8.45 10.15
C ALA A 225 20.61 -7.12 9.44
N ILE A 226 19.39 -6.59 9.55
CA ILE A 226 19.07 -5.33 8.91
C ILE A 226 19.87 -4.19 9.54
N GLY A 227 20.02 -4.25 10.86
CA GLY A 227 20.76 -3.24 11.58
C GLY A 227 22.23 -3.21 11.18
N LYS A 228 22.81 -4.39 10.98
CA LYS A 228 24.21 -4.48 10.56
C LYS A 228 24.37 -3.96 9.14
N ALA A 229 23.44 -4.32 8.27
CA ALA A 229 23.42 -3.84 6.89
C ALA A 229 23.21 -2.33 6.83
N SER A 230 22.30 -1.81 7.65
CA SER A 230 22.09 -0.36 7.72
C SER A 230 23.38 0.41 8.03
N ASN A 231 24.15 -0.09 9.00
CA ASN A 231 25.45 0.48 9.31
C ASN A 231 25.38 1.97 9.63
N GLY A 232 24.35 2.36 10.38
CA GLY A 232 24.23 3.73 10.84
C GLY A 232 23.65 4.71 9.84
N ARG A 233 23.06 4.20 8.76
CA ARG A 233 22.43 5.07 7.77
C ARG A 233 21.23 5.79 8.35
N GLY A 234 20.67 5.23 9.42
CA GLY A 234 19.59 5.87 10.14
C GLY A 234 18.20 5.50 9.67
N ILE A 235 17.21 6.07 10.35
CA ILE A 235 15.84 5.60 10.16
C ILE A 235 15.22 6.06 8.85
N TYR A 236 15.76 7.12 8.25
CA TYR A 236 15.18 7.64 7.01
C TYR A 236 15.85 7.03 5.78
N GLU A 237 17.17 7.12 5.71
CA GLU A 237 17.87 6.64 4.51
C GLU A 237 18.16 5.15 4.58
N GLY A 238 18.18 4.61 5.78
CA GLY A 238 18.52 3.21 5.96
C GLY A 238 17.31 2.30 5.97
N PRO A 239 17.53 0.99 5.81
CA PRO A 239 16.42 0.03 5.80
C PRO A 239 15.81 -0.10 7.18
N GLY A 240 14.57 -0.56 7.23
CA GLY A 240 13.91 -0.85 8.49
C GLY A 240 13.18 -2.18 8.41
N ILE A 241 12.40 -2.47 9.43
CA ILE A 241 11.66 -3.71 9.51
C ILE A 241 10.21 -3.38 9.83
N SER A 242 9.31 -4.27 9.44
CA SER A 242 7.92 -4.13 9.82
C SER A 242 7.48 -5.39 10.53
N ILE A 243 6.59 -5.24 11.50
CA ILE A 243 6.18 -6.38 12.29
C ILE A 243 4.67 -6.47 12.36
N LYS A 244 4.16 -7.69 12.53
CA LYS A 244 2.73 -7.87 12.74
C LYS A 244 2.52 -8.30 14.17
N LEU A 245 1.67 -7.57 14.89
CA LEU A 245 1.36 -7.91 16.27
C LEU A 245 0.76 -9.31 16.37
N SER A 246 0.01 -9.71 15.35
CA SER A 246 -0.62 -11.05 15.34
C SER A 246 0.39 -12.19 15.33
N ALA A 247 1.62 -11.89 14.90
CA ALA A 247 2.70 -12.87 14.92
C ALA A 247 3.28 -13.05 16.31
N LEU A 248 3.10 -12.05 17.16
CA LEU A 248 3.83 -11.99 18.43
C LEU A 248 3.03 -12.52 19.62
N HIS A 249 1.79 -12.87 19.36
CA HIS A 249 0.88 -13.33 20.41
C HIS A 249 -0.06 -14.40 19.87
N PRO A 250 -0.13 -15.56 20.56
CA PRO A 250 -0.99 -16.65 20.09
C PRO A 250 -2.44 -16.23 20.09
N ARG A 251 -3.16 -16.55 19.02
CA ARG A 251 -4.59 -16.27 18.94
C ARG A 251 -4.91 -14.80 19.22
N TYR A 252 -4.09 -13.93 18.63
CA TYR A 252 -4.25 -12.48 18.75
C TYR A 252 -5.66 -12.02 18.39
N SER A 253 -6.27 -12.69 17.42
CA SER A 253 -7.58 -12.29 16.91
C SER A 253 -8.62 -12.13 18.01
N ARG A 254 -8.50 -12.90 19.08
CA ARG A 254 -9.48 -12.83 20.16
C ARG A 254 -8.82 -12.59 21.51
N ALA A 255 -7.55 -12.22 21.49
CA ALA A 255 -6.79 -12.01 22.72
C ALA A 255 -7.32 -10.84 23.55
N GLN A 256 -7.32 -11.04 24.87
CA GLN A 256 -7.82 -10.05 25.83
C GLN A 256 -6.72 -9.04 26.17
N TYR A 257 -7.13 -7.85 26.59
CA TYR A 257 -6.20 -6.75 26.89
C TYR A 257 -5.10 -7.13 27.88
N ASP A 258 -5.48 -7.75 28.99
CA ASP A 258 -4.51 -8.04 30.05
C ASP A 258 -3.40 -8.96 29.56
N ARG A 259 -3.75 -10.02 28.84
CA ARG A 259 -2.76 -10.96 28.35
C ARG A 259 -1.87 -10.33 27.28
N VAL A 260 -2.45 -9.46 26.46
CA VAL A 260 -1.68 -8.79 25.43
C VAL A 260 -0.62 -7.88 26.06
N MET A 261 -1.03 -7.13 27.08
CA MET A 261 -0.11 -6.22 27.78
C MET A 261 0.95 -6.97 28.56
N GLU A 262 0.58 -8.10 29.14
CA GLU A 262 1.52 -8.91 29.91
C GLU A 262 2.51 -9.65 29.02
N GLU A 263 2.06 -10.06 27.84
CA GLU A 263 2.86 -10.96 27.02
C GLU A 263 3.34 -10.36 25.70
N LEU A 264 2.43 -9.76 24.96
CA LEU A 264 2.81 -9.21 23.67
C LEU A 264 3.67 -7.97 23.87
N TYR A 265 3.28 -7.12 24.80
CA TYR A 265 3.95 -5.83 24.93
C TYR A 265 5.44 -5.96 25.22
N PRO A 266 5.81 -6.83 26.17
CA PRO A 266 7.25 -6.94 26.41
C PRO A 266 8.03 -7.37 25.17
N ARG A 267 7.41 -8.16 24.30
CA ARG A 267 8.05 -8.55 23.06
C ARG A 267 8.17 -7.36 22.12
N LEU A 268 7.09 -6.60 21.99
CA LEU A 268 7.11 -5.40 21.16
C LEU A 268 8.19 -4.44 21.65
N LYS A 269 8.23 -4.21 22.96
CA LYS A 269 9.21 -3.31 23.55
C LYS A 269 10.64 -3.77 23.24
N SER A 270 10.86 -5.07 23.38
CA SER A 270 12.17 -5.65 23.20
C SER A 270 12.68 -5.46 21.78
N LEU A 271 11.83 -5.75 20.81
CA LEU A 271 12.18 -5.56 19.41
C LEU A 271 12.45 -4.10 19.11
N THR A 272 11.62 -3.23 19.67
CA THR A 272 11.79 -1.80 19.42
C THR A 272 13.09 -1.26 20.02
N LEU A 273 13.42 -1.70 21.24
CA LEU A 273 14.69 -1.28 21.84
C LEU A 273 15.86 -1.75 20.98
N LEU A 274 15.72 -2.95 20.41
CA LEU A 274 16.79 -3.50 19.59
C LEU A 274 16.94 -2.71 18.30
N ALA A 275 15.81 -2.38 17.68
CA ALA A 275 15.83 -1.53 16.50
C ALA A 275 16.49 -0.19 16.79
N ARG A 276 16.21 0.37 17.95
CA ARG A 276 16.79 1.66 18.32
C ARG A 276 18.31 1.55 18.45
N GLN A 277 18.78 0.43 18.99
CA GLN A 277 20.22 0.22 19.16
C GLN A 277 20.94 0.29 17.82
N TYR A 278 20.27 -0.17 16.77
CA TYR A 278 20.84 -0.15 15.44
C TYR A 278 20.39 1.08 14.66
N ASP A 279 19.52 1.88 15.26
CA ASP A 279 18.96 3.06 14.62
C ASP A 279 18.30 2.72 13.27
N ILE A 280 17.42 1.70 13.28
CA ILE A 280 16.60 1.40 12.11
C ILE A 280 15.12 1.59 12.44
N GLY A 281 14.32 1.92 11.43
CA GLY A 281 12.89 2.06 11.63
C GLY A 281 12.26 0.73 11.97
N ILE A 282 11.26 0.76 12.85
CA ILE A 282 10.48 -0.44 13.16
C ILE A 282 9.02 -0.07 13.05
N ASN A 283 8.33 -0.71 12.13
CA ASN A 283 6.97 -0.36 11.79
C ASN A 283 5.96 -1.39 12.26
N ILE A 284 4.90 -0.92 12.92
CA ILE A 284 3.81 -1.81 13.33
C ILE A 284 2.73 -1.86 12.24
N ASP A 285 2.60 -3.02 11.61
CA ASP A 285 1.61 -3.21 10.54
C ASP A 285 0.19 -3.11 11.09
N ALA A 286 -0.74 -2.67 10.23
CA ALA A 286 -2.15 -2.66 10.57
C ALA A 286 -2.80 -3.91 10.00
N GLU A 287 -3.61 -4.57 10.81
CA GLU A 287 -4.27 -5.81 10.38
C GLU A 287 -5.79 -5.65 10.40
N GLU A 288 -6.53 -6.65 10.89
CA GLU A 288 -7.99 -6.52 10.84
C GLU A 288 -8.49 -5.39 11.74
N SER A 289 -9.65 -4.85 11.41
CA SER A 289 -10.14 -3.63 12.07
C SER A 289 -10.45 -3.79 13.56
N ASP A 290 -10.80 -5.00 13.99
CA ASP A 290 -11.10 -5.17 15.40
C ASP A 290 -9.83 -5.29 16.25
N ARG A 291 -8.67 -5.11 15.63
CA ARG A 291 -7.43 -5.08 16.40
C ARG A 291 -6.85 -3.66 16.43
N LEU A 292 -7.53 -2.71 15.81
CA LEU A 292 -7.03 -1.33 15.82
C LEU A 292 -6.85 -0.81 17.25
N GLU A 293 -7.90 -0.96 18.06
CA GLU A 293 -7.89 -0.42 19.41
C GLU A 293 -6.74 -0.95 20.27
N ILE A 294 -6.56 -2.26 20.29
CA ILE A 294 -5.47 -2.81 21.09
C ILE A 294 -4.10 -2.36 20.56
N SER A 295 -3.98 -2.21 19.24
CA SER A 295 -2.72 -1.76 18.67
C SER A 295 -2.40 -0.33 19.12
N LEU A 296 -3.43 0.51 19.28
CA LEU A 296 -3.21 1.87 19.78
C LEU A 296 -2.75 1.86 21.25
N ASP A 297 -3.36 0.98 22.04
CA ASP A 297 -2.95 0.85 23.44
C ASP A 297 -1.47 0.44 23.54
N LEU A 298 -1.04 -0.47 22.68
CA LEU A 298 0.35 -0.92 22.65
C LEU A 298 1.29 0.20 22.20
N LEU A 299 0.87 0.92 21.16
CA LEU A 299 1.65 2.06 20.67
C LEU A 299 1.82 3.14 21.74
N GLU A 300 0.73 3.45 22.42
CA GLU A 300 0.72 4.45 23.48
C GLU A 300 1.80 4.16 24.52
N LYS A 301 1.79 2.94 25.02
CA LYS A 301 2.75 2.50 26.04
C LYS A 301 4.18 2.55 25.51
N LEU A 302 4.37 2.07 24.29
CA LEU A 302 5.70 2.03 23.67
C LEU A 302 6.32 3.42 23.59
N CYS A 303 5.52 4.41 23.21
CA CYS A 303 6.04 5.75 22.97
C CYS A 303 6.54 6.45 24.22
N PHE A 304 6.20 5.90 25.37
CA PHE A 304 6.64 6.51 26.64
C PHE A 304 7.76 5.75 27.33
N GLU A 305 8.34 4.76 26.66
CA GLU A 305 9.48 4.04 27.22
C GLU A 305 10.70 4.96 27.33
N PRO A 306 11.23 5.13 28.55
CA PRO A 306 12.38 6.02 28.78
C PRO A 306 13.52 5.73 27.83
N GLU A 307 13.73 4.44 27.53
CA GLU A 307 14.84 4.02 26.70
C GLU A 307 14.65 4.44 25.23
N LEU A 308 13.43 4.82 24.88
CA LEU A 308 13.14 5.27 23.51
C LEU A 308 13.00 6.79 23.41
N ALA A 309 13.26 7.49 24.51
CA ALA A 309 13.09 8.94 24.53
C ALA A 309 14.02 9.61 23.52
N GLY A 310 13.47 10.52 22.72
CA GLY A 310 14.27 11.28 21.76
C GLY A 310 14.61 10.49 20.50
N TRP A 311 14.07 9.28 20.40
CA TRP A 311 14.27 8.45 19.21
C TRP A 311 13.01 8.40 18.38
N ASN A 312 13.14 8.63 17.08
CA ASN A 312 11.96 8.81 16.23
C ASN A 312 11.72 7.67 15.24
N GLY A 313 12.20 6.48 15.60
CA GLY A 313 12.12 5.35 14.68
C GLY A 313 10.91 4.45 14.79
N ILE A 314 9.99 4.78 15.70
CA ILE A 314 8.75 4.02 15.85
C ILE A 314 7.81 4.38 14.70
N GLY A 315 7.38 3.35 13.96
CA GLY A 315 6.43 3.50 12.86
C GLY A 315 5.12 2.79 13.09
N PHE A 316 4.08 3.24 12.42
CA PHE A 316 2.74 2.70 12.65
C PHE A 316 1.95 2.90 11.35
N VAL A 317 1.27 1.85 10.91
CA VAL A 317 0.42 1.94 9.71
C VAL A 317 -0.99 2.36 10.11
N ILE A 318 -1.59 3.23 9.31
CA ILE A 318 -3.02 3.48 9.42
C ILE A 318 -3.68 3.24 8.07
N GLN A 319 -4.91 2.73 8.11
CA GLN A 319 -5.62 2.29 6.91
C GLN A 319 -6.73 3.26 6.54
N ALA A 320 -6.57 3.93 5.39
CA ALA A 320 -7.54 4.94 4.97
C ALA A 320 -8.93 4.40 4.67
N TYR A 321 -9.05 3.09 4.44
CA TYR A 321 -10.38 2.56 4.14
C TYR A 321 -11.28 2.47 5.37
N GLN A 322 -10.71 2.73 6.55
CA GLN A 322 -11.49 2.74 7.76
C GLN A 322 -12.09 4.11 8.04
N LYS A 323 -13.33 4.11 8.50
CA LYS A 323 -14.00 5.34 8.88
C LYS A 323 -13.25 6.02 10.03
N ARG A 324 -12.56 5.23 10.84
CA ARG A 324 -11.82 5.79 11.95
C ARG A 324 -10.52 6.51 11.58
N CYS A 325 -10.06 6.38 10.34
CA CYS A 325 -8.70 6.80 10.01
C CYS A 325 -8.38 8.26 10.39
N PRO A 326 -9.23 9.21 9.98
CA PRO A 326 -8.87 10.59 10.33
C PRO A 326 -8.83 10.83 11.83
N LEU A 327 -9.66 10.12 12.58
CA LEU A 327 -9.67 10.25 14.04
C LEU A 327 -8.42 9.62 14.66
N VAL A 328 -7.95 8.53 14.05
CA VAL A 328 -6.71 7.92 14.51
C VAL A 328 -5.56 8.92 14.33
N ILE A 329 -5.60 9.68 13.23
CA ILE A 329 -4.57 10.67 12.99
C ILE A 329 -4.57 11.75 14.06
N ASP A 330 -5.75 12.21 14.46
CA ASP A 330 -5.84 13.21 15.52
C ASP A 330 -5.22 12.66 16.79
N TYR A 331 -5.48 11.39 17.08
CA TYR A 331 -4.89 10.76 18.24
C TYR A 331 -3.37 10.67 18.11
N LEU A 332 -2.88 10.28 16.94
CA LEU A 332 -1.44 10.15 16.73
C LEU A 332 -0.71 11.48 16.84
N ILE A 333 -1.33 12.52 16.33
CA ILE A 333 -0.78 13.88 16.47
C ILE A 333 -0.64 14.22 17.93
N ASP A 334 -1.67 13.94 18.72
CA ASP A 334 -1.61 14.23 20.16
C ASP A 334 -0.56 13.37 20.87
N LEU A 335 -0.43 12.12 20.44
CA LEU A 335 0.55 11.20 21.03
C LEU A 335 1.98 11.62 20.74
N ALA A 336 2.26 12.04 19.51
CA ALA A 336 3.58 12.55 19.16
C ALA A 336 3.93 13.77 20.01
N THR A 337 2.94 14.63 20.24
CA THR A 337 3.14 15.82 21.06
C THR A 337 3.45 15.43 22.50
N ARG A 338 2.60 14.59 23.08
CA ARG A 338 2.77 14.20 24.49
C ARG A 338 4.05 13.41 24.75
N SER A 339 4.40 12.53 23.81
CA SER A 339 5.55 11.64 24.01
C SER A 339 6.83 12.24 23.42
N ARG A 340 6.70 13.45 22.86
CA ARG A 340 7.84 14.23 22.39
C ARG A 340 8.64 13.51 21.31
N ARG A 341 7.98 13.09 20.24
CA ARG A 341 8.66 12.36 19.17
CA ARG A 341 8.70 12.43 19.16
C ARG A 341 8.03 12.69 17.83
N ARG A 342 8.72 12.30 16.76
CA ARG A 342 8.15 12.34 15.43
C ARG A 342 7.83 10.89 15.11
N LEU A 343 6.56 10.60 14.82
CA LEU A 343 6.16 9.25 14.50
C LEU A 343 6.31 9.01 13.01
N MET A 344 6.78 7.82 12.63
CA MET A 344 6.79 7.45 11.23
C MET A 344 5.44 6.80 10.91
N ILE A 345 4.62 7.46 10.11
CA ILE A 345 3.27 6.95 9.86
C ILE A 345 3.11 6.50 8.41
N ARG A 346 2.82 5.22 8.22
CA ARG A 346 2.49 4.73 6.88
C ARG A 346 1.01 4.84 6.65
N LEU A 347 0.63 5.68 5.69
CA LEU A 347 -0.76 5.77 5.27
C LEU A 347 -0.95 4.80 4.11
N VAL A 348 -1.83 3.82 4.31
CA VAL A 348 -2.16 2.83 3.29
C VAL A 348 -3.66 2.87 3.11
N LYS A 349 -4.17 2.33 2.00
CA LYS A 349 -5.60 2.29 1.87
C LYS A 349 -6.17 1.12 2.70
N GLY A 350 -5.56 -0.05 2.61
CA GLY A 350 -5.97 -1.20 3.42
C GLY A 350 -6.01 -2.49 2.61
N ALA A 351 -5.55 -3.58 3.22
CA ALA A 351 -5.36 -4.83 2.49
C ALA A 351 -6.40 -5.89 2.77
N TYR A 352 -7.32 -5.62 3.69
CA TYR A 352 -8.24 -6.66 4.15
C TYR A 352 -9.70 -6.39 3.82
N TRP A 353 -9.96 -5.64 2.75
CA TRP A 353 -11.32 -5.16 2.52
C TRP A 353 -12.34 -6.28 2.36
N ASP A 354 -12.01 -7.26 1.53
CA ASP A 354 -12.94 -8.35 1.28
C ASP A 354 -13.33 -9.04 2.59
N SER A 355 -12.34 -9.29 3.45
CA SER A 355 -12.61 -9.93 4.73
C SER A 355 -13.39 -9.03 5.67
N GLU A 356 -13.09 -7.73 5.65
CA GLU A 356 -13.81 -6.78 6.48
C GLU A 356 -15.31 -6.78 6.16
N ILE A 357 -15.64 -6.80 4.88
CA ILE A 357 -17.03 -6.79 4.47
C ILE A 357 -17.71 -8.08 4.93
N LYS A 358 -17.08 -9.22 4.65
CA LYS A 358 -17.62 -10.51 5.07
C LYS A 358 -17.86 -10.57 6.59
N ARG A 359 -16.84 -10.17 7.34
CA ARG A 359 -16.92 -10.15 8.80
C ARG A 359 -18.10 -9.33 9.31
N ALA A 360 -18.26 -8.12 8.78
CA ALA A 360 -19.36 -7.26 9.22
C ALA A 360 -20.73 -7.84 8.88
N GLN A 361 -20.82 -8.50 7.74
CA GLN A 361 -22.10 -9.08 7.31
C GLN A 361 -22.48 -10.26 8.18
N MET A 362 -21.47 -10.89 8.79
CA MET A 362 -21.71 -12.04 9.66
C MET A 362 -22.03 -11.62 11.09
N ASP A 363 -21.44 -10.53 11.53
CA ASP A 363 -21.68 -10.02 12.88
C ASP A 363 -22.97 -9.20 12.94
N GLY A 364 -23.60 -9.00 11.78
CA GLY A 364 -24.84 -8.25 11.69
C GLY A 364 -24.89 -6.98 12.52
N LEU A 365 -23.81 -6.21 12.51
CA LEU A 365 -23.77 -4.96 13.26
C LEU A 365 -24.41 -3.80 12.51
N GLU A 366 -24.39 -2.62 13.13
CA GLU A 366 -25.09 -1.46 12.61
C GLU A 366 -24.54 -0.99 11.26
N GLY A 367 -23.28 -1.30 10.98
CA GLY A 367 -22.66 -0.87 9.75
C GLY A 367 -21.27 -1.45 9.52
N TYR A 368 -20.58 -0.90 8.53
CA TYR A 368 -19.24 -1.37 8.20
C TYR A 368 -18.18 -0.48 8.83
N PRO A 369 -17.05 -1.07 9.22
CA PRO A 369 -15.94 -0.23 9.70
C PRO A 369 -15.11 0.34 8.55
N VAL A 370 -15.41 -0.11 7.34
CA VAL A 370 -14.71 0.33 6.14
C VAL A 370 -15.72 0.89 5.14
N TYR A 371 -15.25 1.69 4.19
CA TYR A 371 -16.11 2.17 3.11
C TYR A 371 -16.46 1.01 2.19
N THR A 372 -17.55 1.16 1.44
CA THR A 372 -18.03 0.12 0.55
C THR A 372 -17.85 0.47 -0.91
N ARG A 373 -17.53 1.74 -1.20
CA ARG A 373 -17.11 2.13 -2.53
C ARG A 373 -15.63 2.53 -2.55
N LYS A 374 -14.91 2.01 -3.54
CA LYS A 374 -13.47 2.20 -3.59
C LYS A 374 -13.14 3.69 -3.66
N VAL A 375 -13.96 4.45 -4.41
CA VAL A 375 -13.67 5.89 -4.53
C VAL A 375 -13.70 6.62 -3.18
N TYR A 376 -14.49 6.12 -2.23
CA TYR A 376 -14.53 6.74 -0.90
C TYR A 376 -13.23 6.54 -0.15
N THR A 377 -12.65 5.35 -0.28
CA THR A 377 -11.34 5.09 0.30
C THR A 377 -10.31 6.03 -0.32
N ASP A 378 -10.41 6.29 -1.61
CA ASP A 378 -9.50 7.24 -2.27
C ASP A 378 -9.63 8.63 -1.67
N VAL A 379 -10.88 9.07 -1.47
CA VAL A 379 -11.13 10.37 -0.86
C VAL A 379 -10.57 10.41 0.57
N SER A 380 -10.83 9.36 1.33
CA SER A 380 -10.31 9.25 2.70
C SER A 380 -8.78 9.38 2.71
N TYR A 381 -8.12 8.69 1.79
CA TYR A 381 -6.66 8.76 1.72
C TYR A 381 -6.17 10.20 1.51
N LEU A 382 -6.81 10.92 0.61
CA LEU A 382 -6.37 12.29 0.32
C LEU A 382 -6.59 13.21 1.50
N ALA A 383 -7.76 13.08 2.13
CA ALA A 383 -8.03 13.89 3.31
C ALA A 383 -7.02 13.58 4.40
N CYS A 384 -6.73 12.30 4.58
CA CYS A 384 -5.79 11.89 5.62
C CYS A 384 -4.37 12.36 5.30
N ALA A 385 -4.01 12.34 4.03
CA ALA A 385 -2.67 12.76 3.61
C ALA A 385 -2.44 14.24 3.96
N LYS A 386 -3.45 15.07 3.72
CA LYS A 386 -3.32 16.50 4.05
C LYS A 386 -3.11 16.69 5.55
N LYS A 387 -3.87 15.94 6.34
CA LYS A 387 -3.71 16.02 7.80
C LYS A 387 -2.30 15.65 8.22
N LEU A 388 -1.75 14.60 7.61
CA LEU A 388 -0.40 14.16 7.99
C LEU A 388 0.63 15.20 7.58
N LEU A 389 0.48 15.74 6.37
CA LEU A 389 1.48 16.68 5.84
C LEU A 389 1.50 17.99 6.61
N ALA A 390 0.41 18.28 7.33
CA ALA A 390 0.31 19.55 8.05
C ALA A 390 1.23 19.66 9.28
N VAL A 391 1.74 18.51 9.74
CA VAL A 391 2.45 18.45 11.03
C VAL A 391 3.82 17.78 10.92
N PRO A 392 4.72 18.36 10.13
CA PRO A 392 6.02 17.72 9.87
C PRO A 392 6.87 17.57 11.12
N ASN A 393 6.61 18.36 12.16
CA ASN A 393 7.38 18.22 13.38
C ASN A 393 6.96 16.97 14.15
N LEU A 394 5.74 16.49 13.88
CA LEU A 394 5.17 15.39 14.67
C LEU A 394 5.10 14.08 13.90
N ILE A 395 5.00 14.17 12.58
CA ILE A 395 4.84 12.97 11.77
CA ILE A 395 4.80 12.98 11.74
C ILE A 395 5.76 12.99 10.56
N TYR A 396 6.36 11.84 10.29
CA TYR A 396 7.03 11.62 9.02
C TYR A 396 6.09 10.73 8.22
N PRO A 397 5.37 11.32 7.28
CA PRO A 397 4.39 10.54 6.52
C PRO A 397 5.04 9.70 5.43
N GLN A 398 4.54 8.48 5.30
CA GLN A 398 5.08 7.54 4.33
C GLN A 398 3.90 7.07 3.50
N PHE A 399 3.85 7.53 2.26
CA PHE A 399 2.63 7.36 1.48
C PHE A 399 2.70 6.12 0.62
N ALA A 400 2.05 5.06 1.08
CA ALA A 400 2.06 3.80 0.37
C ALA A 400 0.96 3.83 -0.69
N THR A 401 1.35 3.66 -1.95
CA THR A 401 0.36 3.56 -3.03
C THR A 401 0.99 3.12 -4.34
N HIS A 402 0.22 2.41 -5.17
CA HIS A 402 0.67 2.06 -6.53
C HIS A 402 -0.17 2.83 -7.54
N ASN A 403 -0.95 3.78 -7.03
CA ASN A 403 -1.93 4.49 -7.84
C ASN A 403 -1.32 5.82 -8.28
N ALA A 404 -1.23 6.01 -9.60
CA ALA A 404 -0.58 7.19 -10.17
C ALA A 404 -1.27 8.49 -9.76
N HIS A 405 -2.60 8.48 -9.67
CA HIS A 405 -3.26 9.70 -9.23
C HIS A 405 -2.95 10.01 -7.77
N THR A 406 -3.04 8.99 -6.93
CA THR A 406 -2.77 9.15 -5.51
C THR A 406 -1.36 9.70 -5.29
N LEU A 407 -0.41 9.13 -6.01
CA LEU A 407 0.99 9.55 -5.94
C LEU A 407 1.11 11.02 -6.33
N ALA A 408 0.55 11.36 -7.49
CA ALA A 408 0.65 12.73 -8.02
C ALA A 408 -0.05 13.72 -7.09
N ALA A 409 -1.18 13.30 -6.52
CA ALA A 409 -1.90 14.17 -5.60
C ALA A 409 -1.05 14.47 -4.36
N ILE A 410 -0.44 13.44 -3.80
CA ILE A 410 0.42 13.64 -2.61
C ILE A 410 1.62 14.53 -2.97
N TYR A 411 2.21 14.26 -4.13
CA TYR A 411 3.35 15.05 -4.61
C TYR A 411 3.02 16.54 -4.62
N GLN A 412 1.82 16.87 -5.08
CA GLN A 412 1.40 18.28 -5.14
C GLN A 412 0.98 18.80 -3.76
N LEU A 413 0.29 17.97 -2.99
CA LEU A 413 -0.16 18.38 -1.67
C LEU A 413 0.99 18.67 -0.71
N ALA A 414 2.14 18.04 -0.95
CA ALA A 414 3.28 18.22 -0.06
C ALA A 414 3.92 19.60 -0.23
N GLY A 415 3.58 20.26 -1.32
CA GLY A 415 3.96 21.64 -1.50
C GLY A 415 5.32 21.86 -2.11
N GLN A 416 5.67 23.15 -2.18
N GLN A 416 5.71 23.11 -2.26
CA GLN A 416 6.96 23.59 -2.67
CA GLN A 416 6.83 23.46 -3.15
C GLN A 416 7.99 23.33 -1.60
C GLN A 416 8.22 22.97 -2.71
N ASN A 417 9.25 23.24 -2.03
N ASN A 417 8.57 23.25 -1.47
CA ASN A 417 10.36 23.12 -1.11
CA ASN A 417 9.94 23.10 -1.01
C ASN A 417 10.42 21.78 -0.39
C ASN A 417 10.20 21.76 -0.34
N TYR A 418 10.25 20.69 -1.14
CA TYR A 418 10.51 19.36 -0.61
C TYR A 418 11.92 19.31 0.01
N TYR A 419 12.06 18.57 1.11
CA TYR A 419 13.37 18.23 1.68
C TYR A 419 13.29 16.75 2.05
N PRO A 420 14.39 16.01 1.95
CA PRO A 420 14.26 14.54 2.04
C PRO A 420 13.41 13.99 3.21
N GLY A 421 13.58 14.63 4.37
CA GLY A 421 12.91 14.23 5.59
C GLY A 421 11.46 14.68 5.70
N GLN A 422 10.92 15.26 4.64
CA GLN A 422 9.53 15.73 4.70
C GLN A 422 8.59 14.52 4.63
N TYR A 423 8.83 13.65 3.67
CA TYR A 423 7.99 12.46 3.49
C TYR A 423 8.66 11.51 2.52
N GLU A 424 8.11 10.31 2.42
CA GLU A 424 8.53 9.39 1.38
C GLU A 424 7.31 8.70 0.84
N PHE A 425 7.45 8.12 -0.34
CA PHE A 425 6.45 7.19 -0.84
C PHE A 425 6.85 5.78 -0.43
N GLN A 426 5.90 4.84 -0.54
CA GLN A 426 6.19 3.44 -0.31
C GLN A 426 5.46 2.56 -1.32
N CYS A 427 5.97 1.37 -1.55
CA CYS A 427 5.30 0.44 -2.45
C CYS A 427 5.63 -0.99 -2.03
N LEU A 428 4.89 -1.94 -2.61
CA LEU A 428 5.16 -3.36 -2.39
C LEU A 428 6.05 -3.88 -3.49
N HIS A 429 7.06 -4.68 -3.11
CA HIS A 429 7.83 -5.41 -4.09
C HIS A 429 6.95 -6.19 -5.07
N GLY A 430 7.26 -6.07 -6.35
CA GLY A 430 6.53 -6.82 -7.37
C GLY A 430 5.35 -6.05 -7.90
N MET A 431 5.06 -4.90 -7.28
CA MET A 431 3.93 -4.08 -7.72
C MET A 431 4.32 -2.65 -8.05
N GLY A 432 5.21 -2.06 -7.25
CA GLY A 432 5.45 -0.63 -7.35
C GLY A 432 6.69 -0.19 -8.10
N GLU A 433 7.62 -1.11 -8.34
CA GLU A 433 8.90 -0.68 -8.91
C GLU A 433 8.76 0.07 -10.25
N PRO A 434 7.91 -0.44 -11.17
CA PRO A 434 7.73 0.25 -12.45
C PRO A 434 7.26 1.71 -12.29
N LEU A 435 6.24 1.93 -11.48
CA LEU A 435 5.75 3.28 -11.25
C LEU A 435 6.84 4.17 -10.64
N TYR A 436 7.50 3.66 -9.62
CA TYR A 436 8.43 4.48 -8.86
C TYR A 436 9.78 4.67 -9.54
N GLU A 437 10.04 3.88 -10.58
CA GLU A 437 11.23 4.10 -11.38
C GLU A 437 11.11 5.44 -12.12
N GLN A 438 9.89 5.98 -12.20
CA GLN A 438 9.68 7.32 -12.74
C GLN A 438 9.80 8.40 -11.67
N VAL A 439 9.89 7.97 -10.42
CA VAL A 439 9.71 8.89 -9.31
C VAL A 439 10.98 9.07 -8.50
N THR A 440 11.58 7.96 -8.09
CA THR A 440 12.79 8.00 -7.30
C THR A 440 13.98 8.12 -8.23
N GLY A 441 14.88 9.05 -7.95
CA GLY A 441 16.01 9.26 -8.84
C GLY A 441 16.17 10.73 -9.18
N LYS A 442 17.12 11.05 -10.04
CA LYS A 442 17.47 12.44 -10.32
C LYS A 442 16.49 13.14 -11.25
N VAL A 443 16.23 14.41 -10.99
CA VAL A 443 15.41 15.21 -11.88
C VAL A 443 16.03 15.28 -13.28
N ALA A 444 17.35 15.28 -13.33
CA ALA A 444 18.08 15.35 -14.58
C ALA A 444 17.85 14.09 -15.40
N ASP A 445 17.48 13.01 -14.72
CA ASP A 445 17.21 11.74 -15.38
C ASP A 445 15.73 11.60 -15.67
N GLY A 446 14.99 12.69 -15.50
CA GLY A 446 13.57 12.70 -15.80
C GLY A 446 12.73 12.07 -14.70
N LYS A 447 13.26 12.02 -13.48
CA LYS A 447 12.52 11.48 -12.33
C LYS A 447 12.04 12.63 -11.46
N LEU A 448 11.30 12.32 -10.41
CA LEU A 448 10.77 13.34 -9.51
C LEU A 448 11.65 13.64 -8.30
N ASN A 449 12.71 12.86 -8.13
CA ASN A 449 13.56 13.00 -6.96
C ASN A 449 12.77 12.93 -5.66
N ARG A 450 11.92 11.92 -5.54
CA ARG A 450 11.24 11.63 -4.28
C ARG A 450 11.52 10.18 -3.91
N PRO A 451 11.93 9.93 -2.66
CA PRO A 451 12.31 8.58 -2.21
C PRO A 451 11.11 7.66 -2.10
N CYS A 452 11.30 6.39 -2.43
CA CYS A 452 10.27 5.39 -2.23
C CYS A 452 10.88 4.24 -1.43
N ARG A 453 10.17 3.80 -0.41
CA ARG A 453 10.61 2.64 0.38
C ARG A 453 9.82 1.40 -0.06
N ILE A 454 10.53 0.38 -0.52
CA ILE A 454 9.92 -0.87 -0.96
C ILE A 454 9.74 -1.80 0.22
N SER A 455 8.51 -2.27 0.42
CA SER A 455 8.25 -3.32 1.40
C SER A 455 8.59 -4.66 0.76
N ALA A 456 9.53 -5.36 1.39
CA ALA A 456 10.13 -6.56 0.83
C ALA A 456 9.81 -7.76 1.71
N PRO A 457 8.91 -8.63 1.24
CA PRO A 457 8.55 -9.83 1.98
C PRO A 457 9.72 -10.79 2.07
N VAL A 458 9.91 -11.36 3.24
CA VAL A 458 10.98 -12.33 3.45
C VAL A 458 10.36 -13.59 4.06
N GLY A 459 10.56 -14.72 3.39
CA GLY A 459 10.10 -15.98 3.95
C GLY A 459 9.96 -17.09 2.91
N THR A 460 9.74 -18.30 3.40
CA THR A 460 9.59 -19.46 2.53
C THR A 460 8.12 -19.72 2.23
N HIS A 461 7.85 -20.74 1.42
CA HIS A 461 6.48 -21.04 1.02
C HIS A 461 5.56 -21.28 2.21
N GLU A 462 6.14 -21.69 3.33
CA GLU A 462 5.36 -22.03 4.51
C GLU A 462 4.74 -20.81 5.20
N THR A 463 5.17 -19.61 4.81
CA THR A 463 4.65 -18.40 5.41
C THR A 463 3.97 -17.46 4.42
N LEU A 464 3.83 -17.91 3.18
CA LEU A 464 3.42 -17.03 2.07
C LEU A 464 1.91 -16.87 1.87
N LEU A 465 1.13 -17.86 2.28
CA LEU A 465 -0.27 -17.95 1.86
C LEU A 465 -1.09 -16.66 2.06
N ALA A 466 -1.18 -16.18 3.29
CA ALA A 466 -2.06 -15.06 3.59
C ALA A 466 -1.68 -13.79 2.82
N TYR A 467 -0.38 -13.51 2.78
CA TYR A 467 0.12 -12.36 2.03
C TYR A 467 -0.22 -12.49 0.55
N LEU A 468 0.02 -13.68 0.00
CA LEU A 468 -0.24 -13.92 -1.42
C LEU A 468 -1.71 -13.74 -1.74
N VAL A 469 -2.59 -14.27 -0.89
CA VAL A 469 -4.02 -14.10 -1.12
C VAL A 469 -4.40 -12.61 -1.15
N ARG A 470 -3.89 -11.83 -0.21
CA ARG A 470 -4.17 -10.39 -0.21
C ARG A 470 -3.68 -9.73 -1.51
N ARG A 471 -2.52 -10.16 -1.99
CA ARG A 471 -2.01 -9.63 -3.27
C ARG A 471 -2.88 -10.04 -4.45
N LEU A 472 -3.40 -11.26 -4.44
CA LEU A 472 -4.30 -11.70 -5.51
C LEU A 472 -5.56 -10.83 -5.55
N LEU A 473 -6.11 -10.54 -4.37
CA LEU A 473 -7.33 -9.77 -4.28
C LEU A 473 -7.07 -8.36 -4.76
N GLU A 474 -5.94 -7.81 -4.35
CA GLU A 474 -5.52 -6.45 -4.70
C GLU A 474 -5.31 -6.35 -6.21
N ASN A 475 -4.59 -7.29 -6.76
CA ASN A 475 -4.27 -7.26 -8.19
C ASN A 475 -5.44 -7.61 -9.10
N GLY A 476 -6.31 -8.50 -8.63
CA GLY A 476 -7.40 -8.99 -9.45
C GLY A 476 -8.69 -8.19 -9.43
N ALA A 477 -8.79 -7.22 -8.52
CA ALA A 477 -10.03 -6.47 -8.35
C ALA A 477 -10.24 -5.48 -9.49
N ASN A 478 -11.43 -5.49 -10.08
CA ASN A 478 -11.71 -4.55 -11.17
C ASN A 478 -11.56 -3.08 -10.73
N THR A 479 -11.66 -2.82 -9.43
CA THR A 479 -11.56 -1.46 -8.91
C THR A 479 -10.12 -0.99 -8.69
N SER A 480 -9.17 -1.92 -8.67
CA SER A 480 -7.78 -1.60 -8.37
C SER A 480 -7.09 -0.86 -9.51
N PHE A 481 -6.38 0.20 -9.16
CA PHE A 481 -5.61 0.94 -10.14
C PHE A 481 -4.73 0.00 -10.98
N VAL A 482 -4.07 -0.96 -10.33
CA VAL A 482 -3.12 -1.82 -11.04
C VAL A 482 -3.85 -2.76 -12.00
N ASN A 483 -5.13 -3.02 -11.72
CA ASN A 483 -5.97 -3.81 -12.62
C ASN A 483 -6.48 -2.96 -13.79
N ARG A 484 -6.92 -1.74 -13.48
CA ARG A 484 -7.46 -0.84 -14.49
C ARG A 484 -6.40 -0.31 -15.45
N ILE A 485 -5.18 -0.10 -14.97
CA ILE A 485 -4.14 0.41 -15.85
C ILE A 485 -3.83 -0.61 -16.95
N ALA A 486 -4.08 -1.88 -16.65
CA ALA A 486 -3.88 -2.97 -17.62
C ALA A 486 -5.06 -3.13 -18.58
N ASP A 487 -6.16 -2.44 -18.30
CA ASP A 487 -7.31 -2.45 -19.20
C ASP A 487 -7.15 -1.33 -20.22
N THR A 488 -6.57 -1.64 -21.36
CA THR A 488 -6.24 -0.62 -22.35
C THR A 488 -7.48 0.01 -23.00
N SER A 489 -8.65 -0.53 -22.68
CA SER A 489 -9.90 0.04 -23.18
C SER A 489 -10.40 1.16 -22.25
N LEU A 490 -9.82 1.24 -21.06
CA LEU A 490 -10.14 2.32 -20.14
C LEU A 490 -9.24 3.53 -20.40
N PRO A 491 -9.83 4.66 -20.79
CA PRO A 491 -9.03 5.83 -21.14
C PRO A 491 -8.21 6.32 -19.96
N LEU A 492 -7.01 6.84 -20.24
CA LEU A 492 -6.15 7.34 -19.18
C LEU A 492 -6.87 8.33 -18.26
N ASP A 493 -7.64 9.23 -18.85
CA ASP A 493 -8.35 10.25 -18.08
C ASP A 493 -9.30 9.65 -17.06
N GLU A 494 -9.94 8.53 -17.43
CA GLU A 494 -10.81 7.82 -16.49
C GLU A 494 -9.98 7.15 -15.39
N LEU A 495 -8.88 6.53 -15.79
CA LEU A 495 -7.97 5.87 -14.85
C LEU A 495 -7.49 6.80 -13.73
N VAL A 496 -7.11 8.03 -14.09
CA VAL A 496 -6.56 8.96 -13.10
C VAL A 496 -7.55 10.02 -12.67
N ALA A 497 -8.84 9.73 -12.85
CA ALA A 497 -9.90 10.67 -12.49
C ALA A 497 -9.82 11.04 -11.03
N ASP A 498 -10.06 12.32 -10.73
CA ASP A 498 -10.02 12.80 -9.35
C ASP A 498 -11.16 12.18 -8.55
N PRO A 499 -10.84 11.58 -7.40
CA PRO A 499 -11.85 10.89 -6.58
C PRO A 499 -12.88 11.83 -5.96
N VAL A 500 -12.49 13.04 -5.58
CA VAL A 500 -13.48 13.96 -5.02
C VAL A 500 -14.54 14.29 -6.08
N THR A 501 -14.09 14.59 -7.29
CA THR A 501 -15.01 14.91 -8.39
C THR A 501 -15.89 13.70 -8.70
N ALA A 502 -15.29 12.52 -8.66
CA ALA A 502 -16.03 11.29 -8.90
C ALA A 502 -17.15 11.12 -7.88
N VAL A 503 -16.84 11.42 -6.62
CA VAL A 503 -17.84 11.31 -5.57
C VAL A 503 -18.96 12.32 -5.79
N GLU A 504 -18.61 13.53 -6.22
CA GLU A 504 -19.62 14.54 -6.49
C GLU A 504 -20.48 14.18 -7.67
N LYS A 505 -19.90 13.48 -8.64
CA LYS A 505 -20.69 13.00 -9.79
C LYS A 505 -21.72 11.97 -9.33
N LEU A 506 -21.28 11.02 -8.52
CA LEU A 506 -22.21 10.03 -7.98
C LEU A 506 -23.32 10.68 -7.19
N ALA A 507 -22.97 11.72 -6.43
CA ALA A 507 -23.93 12.41 -5.57
C ALA A 507 -25.02 13.08 -6.39
N GLN A 508 -24.62 13.72 -7.49
CA GLN A 508 -25.57 14.39 -8.37
C GLN A 508 -26.50 13.38 -9.06
N GLN A 509 -25.97 12.21 -9.38
CA GLN A 509 -26.76 11.18 -10.04
C GLN A 509 -27.71 10.46 -9.08
N GLU A 510 -27.25 10.25 -7.86
CA GLU A 510 -27.96 9.39 -6.92
C GLU A 510 -28.81 10.13 -5.90
N GLY A 511 -28.59 11.43 -5.74
CA GLY A 511 -29.46 12.24 -4.91
C GLY A 511 -28.88 12.58 -3.55
N GLN A 512 -27.71 12.01 -3.24
CA GLN A 512 -27.03 12.39 -2.02
C GLN A 512 -25.61 11.85 -1.98
N THR A 513 -24.76 12.49 -1.18
CA THR A 513 -23.36 12.17 -1.17
C THR A 513 -23.04 10.96 -0.28
N GLY A 514 -22.20 10.08 -0.80
CA GLY A 514 -21.64 9.00 0.01
C GLY A 514 -22.57 7.84 0.26
N LEU A 515 -23.48 7.57 -0.67
CA LEU A 515 -24.32 6.40 -0.52
C LEU A 515 -23.46 5.14 -0.59
N PRO A 516 -23.85 4.10 0.16
CA PRO A 516 -23.09 2.85 0.05
C PRO A 516 -23.16 2.24 -1.34
N HIS A 517 -22.21 1.35 -1.61
CA HIS A 517 -22.26 0.52 -2.80
C HIS A 517 -23.63 -0.13 -2.94
N PRO A 518 -24.25 -0.01 -4.13
CA PRO A 518 -25.58 -0.57 -4.40
C PRO A 518 -25.66 -2.07 -4.14
N LYS A 519 -24.52 -2.75 -4.21
CA LYS A 519 -24.49 -4.21 -4.07
C LYS A 519 -24.04 -4.63 -2.67
N ILE A 520 -23.84 -3.67 -1.78
CA ILE A 520 -23.40 -3.97 -0.44
C ILE A 520 -24.29 -3.26 0.58
N PRO A 521 -25.47 -3.83 0.82
CA PRO A 521 -26.45 -3.28 1.77
C PRO A 521 -25.89 -3.41 3.17
N LEU A 522 -26.49 -2.72 4.13
CA LEU A 522 -26.08 -2.85 5.52
C LEU A 522 -26.27 -4.29 5.97
N PRO A 523 -25.40 -4.76 6.87
CA PRO A 523 -25.45 -6.16 7.34
C PRO A 523 -26.85 -6.57 7.78
N ARG A 524 -27.59 -5.66 8.39
CA ARG A 524 -28.93 -5.97 8.89
C ARG A 524 -30.01 -5.97 7.80
N ASP A 525 -29.58 -5.98 6.54
CA ASP A 525 -30.53 -6.00 5.42
C ASP A 525 -30.37 -7.27 4.56
#